data_6JFK
#
_entry.id   6JFK
#
_cell.length_a   49.624
_cell.length_b   49.624
_cell.length_c   388.065
_cell.angle_alpha   90.00
_cell.angle_beta   90.00
_cell.angle_gamma   90.00
#
_symmetry.space_group_name_H-M   'P 41 21 2'
#
loop_
_entity.id
_entity.type
_entity.pdbx_description
1 polymer 'Mitofusin-2,cDNA FLJ57997, highly similar to Transmembrane GTPase MFN2'
2 non-polymer "GUANOSINE-5'-DIPHOSPHATE"
3 non-polymer 'CITRIC ACID'
4 non-polymer GLYCEROL
5 water water
#
_entity_poly.entity_id   1
_entity_poly.type   'polypeptide(L)'
_entity_poly.pdbx_seq_one_letter_code
;GPHMGGSAEVNASPLKHFVTAKKKINGIFEQLGAYIQESATFLEDTYRNAELDPVTTEEQVLDVKGYLSKVRGISEVLAR
RHMKVAFFGRTSNGKSTVINAMLWDKVLPSGIGHTTNCFLRVEGTDGHEAFLLTEGSEEKRSAKTVNQLAHALHQDKQLH
AGSLVSVMWPNSKCPLLKDDLVLMDSPGIDVTTELDSWIDKFCLDADVFVLVANSESTLMQTEKHFFHKVSERLSRPNIF
ILNNRWDASASEPEYMEEVRRQHMERCTSFLVDELGVVDRSQAGDRIFFVSAKEVLNARIQKAQGMPEGGGALAEGFQVR
MFEFQNFERRFEECISQSAVKTKFEQHTVRAKQIAEAVRLIMDSLHMAAREQQVYCEEMREERQDRTRENLEQEIAAMNK
KIEVLDSLQSKAKLLRNKAGWLDSELNMFTHQYLQPSR
;
_entity_poly.pdbx_strand_id   A
#
# COMPACT_ATOMS: atom_id res chain seq x y z
N VAL A 10 -14.46 -8.98 -2.99
CA VAL A 10 -13.46 -8.56 -3.97
C VAL A 10 -14.12 -8.45 -5.35
N ASN A 11 -15.25 -9.14 -5.51
CA ASN A 11 -16.08 -8.92 -6.69
C ASN A 11 -16.91 -7.65 -6.55
N ALA A 12 -17.43 -7.39 -5.34
CA ALA A 12 -18.25 -6.21 -5.06
C ALA A 12 -17.44 -4.93 -5.23
N SER A 13 -16.51 -4.66 -4.31
CA SER A 13 -15.52 -3.60 -4.57
C SER A 13 -14.14 -4.23 -4.57
N PRO A 14 -13.42 -4.10 -5.68
CA PRO A 14 -12.05 -4.63 -5.73
C PRO A 14 -11.13 -4.10 -4.64
N LEU A 15 -11.39 -2.90 -4.11
CA LEU A 15 -10.49 -2.36 -3.09
C LEU A 15 -10.47 -3.23 -1.83
N LYS A 16 -11.52 -4.02 -1.60
CA LYS A 16 -11.53 -4.94 -0.48
C LYS A 16 -10.42 -5.97 -0.57
N HIS A 17 -9.93 -6.24 -1.78
CA HIS A 17 -8.74 -7.05 -1.97
C HIS A 17 -7.58 -6.49 -1.15
N PHE A 18 -7.35 -5.17 -1.24
CA PHE A 18 -6.29 -4.52 -0.48
C PHE A 18 -6.59 -4.52 1.02
N VAL A 19 -7.83 -4.18 1.39
CA VAL A 19 -8.21 -4.17 2.81
C VAL A 19 -7.94 -5.53 3.43
N THR A 20 -8.35 -6.60 2.74
CA THR A 20 -8.20 -7.95 3.29
C THR A 20 -6.74 -8.38 3.37
N ALA A 21 -5.98 -8.08 2.32
CA ALA A 21 -4.55 -8.39 2.33
C ALA A 21 -3.84 -7.68 3.47
N LYS A 22 -4.18 -6.42 3.68
CA LYS A 22 -3.55 -5.64 4.73
C LYS A 22 -3.85 -6.23 6.10
N LYS A 23 -5.11 -6.60 6.33
CA LYS A 23 -5.48 -7.29 7.57
C LYS A 23 -4.65 -8.56 7.75
N LYS A 24 -4.53 -9.36 6.69
CA LYS A 24 -3.87 -10.66 6.81
C LYS A 24 -2.39 -10.50 7.18
N ILE A 25 -1.67 -9.64 6.46
CA ILE A 25 -0.23 -9.55 6.69
C ILE A 25 0.07 -8.87 8.02
N ASN A 26 -0.78 -7.91 8.43
CA ASN A 26 -0.66 -7.36 9.77
C ASN A 26 -0.85 -8.45 10.83
N GLY A 27 -1.84 -9.33 10.64
CA GLY A 27 -2.05 -10.40 11.60
C GLY A 27 -0.90 -11.39 11.64
N ILE A 28 -0.32 -11.69 10.46
CA ILE A 28 0.85 -12.56 10.45
C ILE A 28 1.99 -11.93 11.22
N PHE A 29 2.18 -10.61 11.08
CA PHE A 29 3.28 -9.96 11.80
C PHE A 29 3.05 -9.95 13.30
N GLU A 30 1.80 -9.92 13.77
CA GLU A 30 1.56 -10.07 15.21
C GLU A 30 1.91 -11.47 15.68
N GLN A 31 1.50 -12.48 14.92
CA GLN A 31 1.86 -13.85 15.26
C GLN A 31 3.37 -14.04 15.23
N LEU A 32 4.05 -13.42 14.27
CA LEU A 32 5.50 -13.51 14.21
C LEU A 32 6.14 -12.86 15.43
N GLY A 33 5.61 -11.70 15.86
CA GLY A 33 6.14 -11.07 17.05
C GLY A 33 5.98 -11.93 18.30
N ALA A 34 4.80 -12.54 18.45
CA ALA A 34 4.57 -13.44 19.57
C ALA A 34 5.55 -14.59 19.56
N TYR A 35 5.79 -15.17 18.38
CA TYR A 35 6.71 -16.29 18.25
C TYR A 35 8.14 -15.88 18.62
N ILE A 36 8.59 -14.73 18.12
CA ILE A 36 9.93 -14.27 18.45
C ILE A 36 10.06 -14.00 19.93
N GLN A 37 9.04 -13.38 20.53
CA GLN A 37 9.03 -13.17 21.98
C GLN A 37 9.17 -14.49 22.73
N GLU A 38 8.40 -15.50 22.34
CA GLU A 38 8.46 -16.80 22.98
C GLU A 38 9.84 -17.42 22.86
N SER A 39 10.44 -17.28 21.68
CA SER A 39 11.77 -17.81 21.40
C SER A 39 12.83 -17.09 22.21
N ALA A 40 12.73 -15.75 22.29
CA ALA A 40 13.72 -14.97 23.01
C ALA A 40 13.74 -15.37 24.47
N THR A 41 12.56 -15.51 25.07
CA THR A 41 12.44 -15.94 26.46
C THR A 41 13.09 -17.32 26.66
N PHE A 42 12.81 -18.25 25.75
CA PHE A 42 13.42 -19.57 25.82
C PHE A 42 14.95 -19.51 25.73
N LEU A 43 15.47 -18.73 24.77
CA LEU A 43 16.91 -18.59 24.61
C LEU A 43 17.53 -17.98 25.87
N GLU A 44 16.92 -16.92 26.38
CA GLU A 44 17.46 -16.22 27.54
C GLU A 44 17.51 -17.15 28.76
N ASP A 45 16.45 -17.93 28.97
CA ASP A 45 16.44 -18.90 30.06
C ASP A 45 17.51 -19.97 29.85
N THR A 46 17.66 -20.42 28.60
CA THR A 46 18.67 -21.44 28.32
C THR A 46 20.08 -20.91 28.52
N TYR A 47 20.33 -19.67 28.10
CA TYR A 47 21.65 -19.06 28.28
C TYR A 47 22.00 -18.94 29.75
N ARG A 48 21.00 -18.66 30.59
CA ARG A 48 21.24 -18.49 32.02
C ARG A 48 21.40 -19.80 32.77
N ASN A 49 21.16 -20.94 32.14
CA ASN A 49 21.23 -22.20 32.85
C ASN A 49 22.69 -22.52 33.16
N ALA A 50 23.01 -22.53 34.46
CA ALA A 50 24.34 -22.89 34.95
C ALA A 50 24.46 -24.37 35.28
N GLU A 51 23.46 -25.18 34.96
CA GLU A 51 23.52 -26.62 35.16
C GLU A 51 24.00 -27.37 33.92
N LEU A 52 24.41 -26.65 32.87
CA LEU A 52 24.82 -27.31 31.64
C LEU A 52 25.90 -26.51 30.95
N ASP A 53 26.70 -27.20 30.15
CA ASP A 53 27.57 -26.53 29.21
C ASP A 53 26.73 -25.68 28.26
N PRO A 54 27.23 -24.52 27.84
CA PRO A 54 26.46 -23.66 26.94
C PRO A 54 25.95 -24.44 25.73
N VAL A 55 24.65 -24.33 25.46
CA VAL A 55 24.06 -24.78 24.21
C VAL A 55 23.63 -23.60 23.34
N THR A 56 23.78 -22.37 23.83
CA THR A 56 23.47 -21.16 23.06
C THR A 56 24.54 -20.12 23.37
N THR A 57 24.54 -19.05 22.59
CA THR A 57 25.50 -17.98 22.75
C THR A 57 24.79 -16.68 23.07
N GLU A 58 25.55 -15.72 23.59
CA GLU A 58 24.98 -14.40 23.84
C GLU A 58 24.60 -13.73 22.54
N GLU A 59 25.33 -13.99 21.46
CA GLU A 59 24.98 -13.39 20.16
C GLU A 59 23.61 -13.84 19.68
N GLN A 60 23.27 -15.12 19.91
CA GLN A 60 21.96 -15.61 19.48
C GLN A 60 20.84 -14.97 20.29
N VAL A 61 21.04 -14.86 21.60
CA VAL A 61 20.07 -14.17 22.45
C VAL A 61 19.87 -12.75 21.94
N LEU A 62 20.96 -11.99 21.79
CA LEU A 62 20.81 -10.60 21.38
C LEU A 62 20.26 -10.47 19.97
N ASP A 63 20.62 -11.38 19.07
CA ASP A 63 20.05 -11.31 17.72
C ASP A 63 18.54 -11.49 17.75
N VAL A 64 18.04 -12.47 18.51
CA VAL A 64 16.59 -12.73 18.53
C VAL A 64 15.85 -11.56 19.17
N LYS A 65 16.42 -10.97 20.22
CA LYS A 65 15.79 -9.78 20.78
C LYS A 65 15.74 -8.65 19.76
N GLY A 66 16.80 -8.50 18.95
CA GLY A 66 16.79 -7.48 17.91
C GLY A 66 15.74 -7.74 16.84
N TYR A 67 15.45 -9.01 16.55
CA TYR A 67 14.42 -9.31 15.56
C TYR A 67 13.06 -8.91 16.08
N LEU A 68 12.83 -9.09 17.38
CA LEU A 68 11.57 -8.65 17.97
C LEU A 68 11.38 -7.15 17.78
N SER A 69 12.42 -6.38 18.10
CA SER A 69 12.39 -4.93 17.90
C SER A 69 12.11 -4.57 16.44
N LYS A 70 12.73 -5.30 15.51
CA LYS A 70 12.55 -4.99 14.09
C LYS A 70 11.12 -5.28 13.64
N VAL A 71 10.56 -6.40 14.10
CA VAL A 71 9.19 -6.78 13.74
C VAL A 71 8.17 -5.83 14.33
N ARG A 72 8.42 -5.31 15.54
CA ARG A 72 7.45 -4.36 16.08
C ARG A 72 7.52 -3.02 15.35
N GLY A 73 8.70 -2.62 14.86
CA GLY A 73 8.76 -1.44 14.02
C GLY A 73 8.03 -1.66 12.70
N ILE A 74 8.18 -2.84 12.10
CA ILE A 74 7.55 -3.08 10.81
C ILE A 74 6.03 -3.08 10.93
N SER A 75 5.50 -3.62 12.03
CA SER A 75 4.06 -3.55 12.29
C SER A 75 3.56 -2.13 12.25
N GLU A 76 4.33 -1.18 12.80
CA GLU A 76 3.91 0.22 12.76
C GLU A 76 3.82 0.75 11.33
N VAL A 77 4.75 0.33 10.46
CA VAL A 77 4.67 0.74 9.05
C VAL A 77 3.51 0.04 8.36
N LEU A 78 3.40 -1.28 8.53
CA LEU A 78 2.35 -2.06 7.87
C LEU A 78 0.95 -1.58 8.21
N ALA A 79 0.77 -1.03 9.41
CA ALA A 79 -0.55 -0.53 9.76
C ALA A 79 -0.95 0.70 8.96
N ARG A 80 0.02 1.42 8.38
CA ARG A 80 -0.23 2.70 7.72
C ARG A 80 -0.24 2.59 6.20
N ARG A 81 0.06 1.41 5.66
CA ARG A 81 0.09 1.22 4.21
C ARG A 81 -1.26 1.49 3.58
N HIS A 82 -1.23 2.06 2.38
CA HIS A 82 -2.48 2.46 1.74
C HIS A 82 -2.24 2.54 0.24
N MET A 83 -3.34 2.66 -0.49
CA MET A 83 -3.29 2.84 -1.94
C MET A 83 -3.27 4.34 -2.24
N LYS A 84 -2.53 4.72 -3.26
CA LYS A 84 -2.42 6.14 -3.61
C LYS A 84 -2.57 6.31 -5.10
N VAL A 85 -3.48 7.19 -5.50
CA VAL A 85 -3.67 7.59 -6.88
C VAL A 85 -3.37 9.08 -6.98
N ALA A 86 -2.62 9.46 -8.01
CA ALA A 86 -2.19 10.84 -8.22
C ALA A 86 -2.63 11.34 -9.59
N PHE A 87 -3.14 12.57 -9.63
CA PHE A 87 -3.76 13.18 -10.82
C PHE A 87 -2.92 14.36 -11.29
N PHE A 88 -2.70 14.43 -12.61
CA PHE A 88 -1.88 15.47 -13.21
C PHE A 88 -2.54 15.99 -14.48
N GLY A 89 -2.21 17.23 -14.84
CA GLY A 89 -2.67 17.81 -16.08
C GLY A 89 -2.62 19.32 -16.02
N ARG A 90 -2.81 19.93 -17.19
CA ARG A 90 -2.81 21.38 -17.30
C ARG A 90 -3.97 21.96 -16.50
N THR A 91 -3.76 23.16 -15.95
CA THR A 91 -4.79 23.86 -15.17
C THR A 91 -6.11 23.86 -15.92
N SER A 92 -7.20 23.60 -15.19
CA SER A 92 -8.58 23.67 -15.68
C SER A 92 -8.96 22.53 -16.61
N ASN A 93 -8.12 21.51 -16.76
CA ASN A 93 -8.55 20.32 -17.48
C ASN A 93 -9.66 19.59 -16.73
N GLY A 94 -9.66 19.66 -15.39
CA GLY A 94 -10.70 19.01 -14.60
C GLY A 94 -10.25 18.04 -13.51
N LYS A 95 -8.98 18.14 -13.07
CA LYS A 95 -8.45 17.19 -12.08
C LYS A 95 -9.30 17.17 -10.81
N SER A 96 -9.54 18.34 -10.23
CA SER A 96 -10.28 18.40 -8.96
C SER A 96 -11.71 17.89 -9.13
N THR A 97 -12.33 18.20 -10.28
CA THR A 97 -13.68 17.70 -10.55
C THR A 97 -13.69 16.18 -10.64
N VAL A 98 -12.70 15.58 -11.32
CA VAL A 98 -12.58 14.12 -11.35
C VAL A 98 -12.49 13.55 -9.94
N ILE A 99 -11.61 14.10 -9.10
CA ILE A 99 -11.50 13.61 -7.73
C ILE A 99 -12.83 13.75 -7.01
N ASN A 100 -13.46 14.93 -7.12
CA ASN A 100 -14.74 15.13 -6.44
C ASN A 100 -15.79 14.15 -6.95
N ALA A 101 -15.82 13.91 -8.26
CA ALA A 101 -16.75 12.94 -8.83
C ALA A 101 -16.54 11.55 -8.24
N MET A 102 -15.28 11.11 -8.11
CA MET A 102 -15.02 9.80 -7.52
C MET A 102 -15.46 9.74 -6.05
N LEU A 103 -15.39 10.87 -5.35
CA LEU A 103 -15.81 10.88 -3.95
C LEU A 103 -17.27 11.25 -3.76
N TRP A 104 -18.03 11.45 -4.85
CA TRP A 104 -19.47 11.76 -4.78
C TRP A 104 -19.74 13.05 -4.00
N ASP A 105 -18.78 13.97 -3.95
CA ASP A 105 -19.01 15.17 -3.14
C ASP A 105 -17.98 16.21 -3.55
N LYS A 106 -18.27 17.47 -3.20
CA LYS A 106 -17.37 18.60 -3.42
C LYS A 106 -16.38 18.65 -2.27
N VAL A 107 -15.32 17.86 -2.38
CA VAL A 107 -14.29 17.82 -1.35
C VAL A 107 -13.23 18.88 -1.58
N LEU A 108 -12.75 19.00 -2.79
CA LEU A 108 -11.71 19.96 -3.18
C LEU A 108 -12.31 21.12 -3.95
N PRO A 109 -11.76 22.34 -3.83
CA PRO A 109 -12.28 23.45 -4.60
C PRO A 109 -12.12 23.15 -6.08
N SER A 110 -13.21 23.34 -6.84
CA SER A 110 -13.15 23.02 -8.26
C SER A 110 -14.12 23.88 -9.09
N GLY A 111 -14.38 25.11 -8.66
CA GLY A 111 -15.31 25.98 -9.37
C GLY A 111 -14.62 26.92 -10.34
N ILE A 112 -15.45 27.69 -11.07
CA ILE A 112 -14.92 28.69 -11.99
C ILE A 112 -14.18 29.77 -11.23
N GLY A 113 -13.15 30.31 -11.86
CA GLY A 113 -12.36 31.38 -11.29
C GLY A 113 -11.37 30.92 -10.27
N HIS A 114 -11.33 29.63 -9.97
CA HIS A 114 -10.46 29.07 -8.96
C HIS A 114 -9.26 28.37 -9.60
N THR A 115 -8.09 28.57 -9.00
CA THR A 115 -6.88 27.79 -9.32
C THR A 115 -6.25 27.33 -8.02
N THR A 116 -5.87 26.06 -7.96
CA THR A 116 -5.13 25.51 -6.82
C THR A 116 -3.63 25.57 -7.09
N ASN A 117 -2.91 26.26 -6.22
CA ASN A 117 -1.48 26.47 -6.41
C ASN A 117 -0.61 25.41 -5.75
N CYS A 118 -1.18 24.52 -4.94
CA CYS A 118 -0.37 23.55 -4.21
C CYS A 118 -0.94 22.15 -4.36
N PHE A 119 -0.19 21.16 -3.87
CA PHE A 119 -0.68 19.79 -3.82
C PHE A 119 -1.73 19.66 -2.70
N LEU A 120 -2.83 19.02 -3.03
CA LEU A 120 -3.86 18.66 -2.07
C LEU A 120 -3.98 17.14 -2.05
N ARG A 121 -4.07 16.58 -0.86
CA ARG A 121 -4.05 15.14 -0.67
C ARG A 121 -5.26 14.75 0.17
N VAL A 122 -6.20 14.00 -0.41
CA VAL A 122 -7.42 13.62 0.30
C VAL A 122 -7.21 12.25 0.94
N GLU A 123 -7.48 12.16 2.24
CA GLU A 123 -7.32 10.91 2.97
C GLU A 123 -8.51 10.77 3.91
N GLY A 124 -8.98 9.54 4.12
CA GLY A 124 -10.09 9.33 5.03
C GLY A 124 -9.69 9.48 6.49
N THR A 125 -10.65 9.95 7.30
CA THR A 125 -10.55 9.92 8.75
C THR A 125 -11.77 9.22 9.33
N ASP A 126 -11.55 8.52 10.44
CA ASP A 126 -12.68 7.95 11.16
C ASP A 126 -13.45 8.99 11.96
N GLY A 127 -13.00 10.25 11.94
CA GLY A 127 -13.66 11.29 12.68
C GLY A 127 -14.96 11.68 12.02
N HIS A 128 -15.69 12.57 12.70
CA HIS A 128 -16.98 13.02 12.19
C HIS A 128 -16.89 14.31 11.39
N GLU A 129 -15.79 15.04 11.47
CA GLU A 129 -15.63 16.30 10.75
C GLU A 129 -14.35 16.27 9.93
N ALA A 130 -14.38 16.97 8.79
CA ALA A 130 -13.19 17.15 7.98
C ALA A 130 -12.26 18.17 8.61
N PHE A 131 -10.98 18.10 8.24
CA PHE A 131 -10.01 19.07 8.72
C PHE A 131 -8.78 19.02 7.83
N LEU A 132 -7.96 20.06 7.96
CA LEU A 132 -6.79 20.26 7.12
C LEU A 132 -5.52 20.09 7.92
N LEU A 133 -4.51 19.51 7.29
CA LEU A 133 -3.18 19.34 7.88
C LEU A 133 -2.17 19.84 6.87
N THR A 134 -1.54 20.97 7.17
CA THR A 134 -0.53 21.52 6.26
C THR A 134 0.81 20.88 6.56
N GLU A 135 1.41 20.25 5.55
CA GLU A 135 2.65 19.52 5.77
C GLU A 135 3.83 20.48 5.86
N GLY A 136 4.83 20.10 6.65
CA GLY A 136 5.97 20.98 6.88
C GLY A 136 5.75 21.98 7.99
N SER A 137 4.61 22.69 7.96
CA SER A 137 4.23 23.63 9.00
C SER A 137 3.40 22.98 10.10
N GLU A 138 2.62 21.94 9.76
CA GLU A 138 2.09 20.99 10.72
C GLU A 138 1.00 21.59 11.60
N GLU A 139 0.24 22.56 11.08
CA GLU A 139 -0.90 23.13 11.76
C GLU A 139 -2.19 22.50 11.24
N LYS A 140 -3.23 22.54 12.09
CA LYS A 140 -4.50 21.89 11.80
C LYS A 140 -5.63 22.92 11.79
N ARG A 141 -6.42 22.92 10.70
CA ARG A 141 -7.53 23.84 10.52
C ARG A 141 -8.76 23.05 10.10
N SER A 142 -9.94 23.63 10.33
CA SER A 142 -11.19 22.99 9.97
C SER A 142 -11.57 23.31 8.53
N ALA A 143 -12.42 22.46 7.97
CA ALA A 143 -12.86 22.61 6.58
C ALA A 143 -14.30 22.09 6.47
N LYS A 144 -15.22 22.77 7.16
CA LYS A 144 -16.59 22.30 7.24
C LYS A 144 -17.35 22.54 5.94
N THR A 145 -16.92 23.49 5.11
CA THR A 145 -17.41 23.60 3.73
C THR A 145 -16.24 23.78 2.78
N VAL A 146 -16.52 23.62 1.47
CA VAL A 146 -15.49 23.71 0.45
C VAL A 146 -15.07 25.16 0.22
N ASN A 147 -15.96 26.12 0.52
CA ASN A 147 -15.53 27.51 0.51
C ASN A 147 -14.63 27.81 1.70
N GLN A 148 -14.87 27.16 2.84
CA GLN A 148 -14.00 27.31 4.00
C GLN A 148 -12.62 26.73 3.73
N LEU A 149 -12.54 25.58 3.05
CA LEU A 149 -11.25 25.03 2.63
C LEU A 149 -10.53 26.00 1.69
N ALA A 150 -11.19 26.41 0.61
CA ALA A 150 -10.57 27.30 -0.37
C ALA A 150 -10.14 28.61 0.28
N HIS A 151 -10.93 29.13 1.22
CA HIS A 151 -10.50 30.26 2.03
C HIS A 151 -9.17 29.95 2.72
N ALA A 152 -9.02 28.72 3.23
CA ALA A 152 -7.82 28.36 3.98
C ALA A 152 -6.58 28.26 3.08
N LEU A 153 -6.76 27.88 1.80
CA LEU A 153 -5.60 27.79 0.91
C LEU A 153 -5.13 29.16 0.45
N HIS A 154 -6.03 30.16 0.42
CA HIS A 154 -5.64 31.49 -0.01
C HIS A 154 -4.96 32.25 1.12
N GLN A 155 -5.54 32.23 2.32
CA GLN A 155 -4.96 32.99 3.44
C GLN A 155 -3.63 32.43 3.91
N ASP A 156 -3.18 31.31 3.35
CA ASP A 156 -1.86 30.76 3.58
C ASP A 156 -1.00 31.20 2.41
N LYS A 157 -0.36 32.37 2.55
CA LYS A 157 0.50 32.88 1.49
C LYS A 157 1.75 32.04 1.31
N GLN A 158 2.14 31.27 2.34
CA GLN A 158 3.34 30.44 2.30
C GLN A 158 3.17 29.21 1.41
N LEU A 159 1.97 28.93 0.92
CA LEU A 159 1.75 27.78 0.06
C LEU A 159 2.23 28.08 -1.35
N HIS A 160 3.06 27.18 -1.90
CA HIS A 160 3.58 27.28 -3.26
C HIS A 160 3.39 25.93 -3.95
N ALA A 161 3.86 25.84 -5.19
CA ALA A 161 3.67 24.62 -5.99
C ALA A 161 4.39 23.41 -5.39
N GLY A 162 5.23 23.60 -4.39
CA GLY A 162 5.86 22.47 -3.72
C GLY A 162 5.23 22.15 -2.37
N SER A 163 4.23 22.93 -1.99
CA SER A 163 3.56 22.73 -0.72
C SER A 163 2.52 21.63 -0.85
N LEU A 164 2.14 21.05 0.29
CA LEU A 164 1.10 20.04 0.33
C LEU A 164 0.22 20.27 1.55
N VAL A 165 -1.08 20.23 1.33
CA VAL A 165 -2.09 20.27 2.39
C VAL A 165 -2.89 18.99 2.29
N SER A 166 -3.06 18.29 3.42
CA SER A 166 -3.88 17.09 3.46
C SER A 166 -5.29 17.45 3.87
N VAL A 167 -6.26 16.94 3.11
CA VAL A 167 -7.66 17.05 3.44
C VAL A 167 -8.09 15.73 4.06
N MET A 168 -8.32 15.74 5.37
CA MET A 168 -8.78 14.57 6.08
C MET A 168 -10.30 14.60 6.06
N TRP A 169 -10.91 13.68 5.32
CA TRP A 169 -12.34 13.69 5.04
C TRP A 169 -13.03 12.50 5.70
N PRO A 170 -14.17 12.68 6.36
CA PRO A 170 -14.84 11.55 7.03
C PRO A 170 -15.03 10.30 6.15
N ASN A 171 -14.69 9.15 6.74
CA ASN A 171 -14.75 7.84 6.08
C ASN A 171 -16.16 7.44 5.70
N SER A 172 -17.14 7.79 6.55
CA SER A 172 -18.50 7.24 6.40
C SER A 172 -19.14 7.63 5.09
N LYS A 173 -18.59 8.64 4.40
CA LYS A 173 -19.15 9.22 3.20
C LYS A 173 -18.67 8.53 1.92
N CYS A 174 -17.41 8.12 1.87
CA CYS A 174 -16.80 7.62 0.65
C CYS A 174 -16.24 6.24 0.93
N PRO A 175 -16.81 5.18 0.35
CA PRO A 175 -16.17 3.86 0.45
C PRO A 175 -14.73 3.88 -0.04
N LEU A 176 -14.38 4.68 -1.05
CA LEU A 176 -12.99 4.74 -1.48
C LEU A 176 -12.06 5.05 -0.32
N LEU A 177 -12.39 6.10 0.45
CA LEU A 177 -11.53 6.51 1.56
C LEU A 177 -11.53 5.49 2.68
N LYS A 178 -12.69 4.91 2.98
CA LYS A 178 -12.75 3.89 4.04
C LYS A 178 -11.92 2.67 3.67
N ASP A 179 -11.79 2.37 2.38
CA ASP A 179 -10.99 1.23 1.96
C ASP A 179 -9.53 1.60 1.70
N ASP A 180 -9.02 2.65 2.35
CA ASP A 180 -7.59 2.95 2.42
C ASP A 180 -7.05 3.47 1.09
N LEU A 181 -7.84 4.27 0.39
CA LEU A 181 -7.35 4.98 -0.79
C LEU A 181 -7.08 6.43 -0.44
N VAL A 182 -5.95 6.95 -0.91
CA VAL A 182 -5.58 8.36 -0.83
C VAL A 182 -5.56 8.91 -2.25
N LEU A 183 -6.13 10.10 -2.46
CA LEU A 183 -6.17 10.75 -3.78
C LEU A 183 -5.39 12.06 -3.74
N MET A 184 -4.44 12.23 -4.65
CA MET A 184 -3.60 13.42 -4.65
C MET A 184 -3.87 14.29 -5.86
N ASP A 185 -4.21 15.55 -5.60
CA ASP A 185 -4.40 16.59 -6.60
C ASP A 185 -3.10 17.38 -6.71
N SER A 186 -2.84 17.93 -7.89
CA SER A 186 -1.57 18.61 -8.15
C SER A 186 -1.82 19.99 -8.74
N PRO A 187 -0.86 20.91 -8.63
CA PRO A 187 -0.97 22.18 -9.35
C PRO A 187 -0.94 21.91 -10.85
N GLY A 188 -1.36 22.90 -11.63
CA GLY A 188 -1.27 22.83 -13.07
C GLY A 188 0.11 22.38 -13.55
N ILE A 189 0.17 21.47 -14.52
CA ILE A 189 1.45 20.89 -14.94
C ILE A 189 2.42 21.93 -15.48
N ASP A 190 1.94 23.09 -15.90
CA ASP A 190 2.81 24.11 -16.47
C ASP A 190 3.45 25.03 -15.43
N VAL A 191 3.18 24.86 -14.13
CA VAL A 191 3.63 25.84 -13.16
C VAL A 191 5.14 25.79 -12.99
N THR A 192 5.78 24.65 -13.22
CA THR A 192 7.22 24.54 -13.06
C THR A 192 7.81 23.58 -14.07
N THR A 193 9.14 23.68 -14.24
CA THR A 193 9.88 22.65 -14.94
C THR A 193 10.69 21.75 -14.02
N GLU A 194 10.78 22.06 -12.72
CA GLU A 194 11.44 21.16 -11.78
C GLU A 194 10.43 20.08 -11.36
N LEU A 195 10.06 19.25 -12.34
CA LEU A 195 9.11 18.17 -12.11
C LEU A 195 9.76 16.94 -11.48
N ASP A 196 11.10 16.81 -11.58
CA ASP A 196 11.81 15.83 -10.78
C ASP A 196 11.42 15.94 -9.32
N SER A 197 11.30 17.18 -8.83
CA SER A 197 10.96 17.40 -7.43
C SER A 197 9.58 16.82 -7.08
N TRP A 198 8.61 16.97 -7.98
CA TRP A 198 7.28 16.43 -7.73
C TRP A 198 7.32 14.91 -7.56
N ILE A 199 8.10 14.23 -8.39
CA ILE A 199 8.15 12.77 -8.33
C ILE A 199 8.86 12.33 -7.05
N ASP A 200 10.03 12.91 -6.78
CA ASP A 200 10.73 12.63 -5.52
C ASP A 200 9.80 12.77 -4.32
N LYS A 201 9.07 13.89 -4.22
CA LYS A 201 8.37 14.19 -2.98
C LYS A 201 7.04 13.43 -2.87
N PHE A 202 6.33 13.23 -3.97
CA PHE A 202 4.91 12.86 -3.91
C PHE A 202 4.50 11.66 -4.73
N CYS A 203 5.34 11.16 -5.65
CA CYS A 203 4.88 10.20 -6.65
C CYS A 203 5.45 8.79 -6.52
N LEU A 204 6.59 8.61 -5.82
CA LEU A 204 7.25 7.32 -5.88
C LEU A 204 6.41 6.23 -5.24
N ASP A 205 5.48 6.60 -4.37
CA ASP A 205 4.59 5.64 -3.73
C ASP A 205 3.18 5.68 -4.31
N ALA A 206 3.00 6.31 -5.47
CA ALA A 206 1.71 6.33 -6.14
C ALA A 206 1.51 5.02 -6.90
N ASP A 207 0.37 4.38 -6.68
CA ASP A 207 0.09 3.11 -7.33
C ASP A 207 -0.55 3.28 -8.70
N VAL A 208 -1.26 4.39 -8.90
CA VAL A 208 -1.87 4.73 -10.18
C VAL A 208 -1.65 6.21 -10.44
N PHE A 209 -1.33 6.53 -11.70
CA PHE A 209 -1.25 7.92 -12.18
C PHE A 209 -2.37 8.14 -13.19
N VAL A 210 -3.09 9.26 -13.07
CA VAL A 210 -4.15 9.62 -14.00
C VAL A 210 -3.80 10.95 -14.66
N LEU A 211 -3.63 10.93 -15.98
CA LEU A 211 -3.51 12.14 -16.75
C LEU A 211 -4.91 12.59 -17.11
N VAL A 212 -5.30 13.74 -16.56
CA VAL A 212 -6.59 14.35 -16.88
C VAL A 212 -6.33 15.35 -17.99
N ALA A 213 -6.71 15.00 -19.21
CA ALA A 213 -6.41 15.82 -20.38
C ALA A 213 -7.64 16.61 -20.83
N ASN A 214 -7.42 17.63 -21.65
CA ASN A 214 -8.52 18.42 -22.21
C ASN A 214 -8.92 17.77 -23.54
N SER A 215 -10.08 17.09 -23.56
CA SER A 215 -10.52 16.53 -24.85
C SER A 215 -10.92 17.60 -25.86
N GLU A 216 -11.05 18.87 -25.44
CA GLU A 216 -11.31 19.92 -26.43
C GLU A 216 -10.07 20.25 -27.27
N SER A 217 -8.87 19.93 -26.80
CA SER A 217 -7.67 20.29 -27.52
C SER A 217 -6.94 18.98 -27.79
N THR A 218 -5.88 18.66 -27.05
CA THR A 218 -5.06 17.48 -27.31
C THR A 218 -4.17 17.25 -26.08
N LEU A 219 -3.43 16.14 -26.09
CA LEU A 219 -2.40 15.97 -25.08
C LEU A 219 -1.33 17.04 -25.25
N MET A 220 -1.04 17.78 -24.17
CA MET A 220 0.00 18.80 -24.26
C MET A 220 1.38 18.16 -24.09
N GLN A 221 2.38 18.75 -24.75
CA GLN A 221 3.72 18.19 -24.65
C GLN A 221 4.24 18.26 -23.22
N THR A 222 3.86 19.31 -22.47
CA THR A 222 4.26 19.35 -21.06
C THR A 222 3.62 18.23 -20.27
N GLU A 223 2.42 17.80 -20.66
CA GLU A 223 1.78 16.67 -20.01
C GLU A 223 2.49 15.36 -20.33
N LYS A 224 2.83 15.13 -21.59
CA LYS A 224 3.51 13.88 -21.95
C LYS A 224 4.91 13.80 -21.34
N HIS A 225 5.63 14.93 -21.38
CA HIS A 225 6.96 15.01 -20.78
C HIS A 225 6.96 14.56 -19.31
N PHE A 226 5.94 14.95 -18.54
CA PHE A 226 5.89 14.52 -17.15
C PHE A 226 5.77 13.00 -17.05
N PHE A 227 4.98 12.38 -17.93
CA PHE A 227 4.84 10.94 -17.84
C PHE A 227 6.02 10.19 -18.44
N HIS A 228 6.78 10.82 -19.35
CA HIS A 228 8.10 10.28 -19.67
C HIS A 228 8.94 10.14 -18.42
N LYS A 229 8.93 11.17 -17.57
CA LYS A 229 9.74 11.12 -16.35
C LYS A 229 9.21 10.09 -15.37
N VAL A 230 7.89 9.92 -15.30
CA VAL A 230 7.33 8.91 -14.40
C VAL A 230 7.79 7.52 -14.83
N SER A 231 7.72 7.25 -16.13
CA SER A 231 8.19 5.96 -16.65
C SER A 231 9.67 5.75 -16.42
N GLU A 232 10.45 6.83 -16.32
CA GLU A 232 11.88 6.71 -16.03
C GLU A 232 12.15 6.29 -14.60
N ARG A 233 11.25 6.65 -13.69
CA ARG A 233 11.47 6.46 -12.26
C ARG A 233 10.80 5.22 -11.71
N LEU A 234 9.76 4.72 -12.38
CA LEU A 234 8.99 3.60 -11.90
C LEU A 234 8.95 2.50 -12.94
N SER A 235 8.83 1.26 -12.45
CA SER A 235 8.68 0.09 -13.30
C SER A 235 7.21 -0.14 -13.61
N ARG A 236 6.89 -0.17 -14.89
CA ARG A 236 5.54 -0.30 -15.39
C ARG A 236 4.50 0.43 -14.56
N PRO A 237 4.62 1.74 -14.40
CA PRO A 237 3.58 2.46 -13.65
C PRO A 237 2.23 2.32 -14.34
N ASN A 238 1.19 2.25 -13.51
CA ASN A 238 -0.18 2.19 -13.99
C ASN A 238 -0.64 3.60 -14.35
N ILE A 239 -0.84 3.83 -15.64
CA ILE A 239 -1.20 5.17 -16.12
C ILE A 239 -2.54 5.07 -16.83
N PHE A 240 -3.49 5.90 -16.39
CA PHE A 240 -4.77 6.09 -17.04
C PHE A 240 -4.83 7.48 -17.67
N ILE A 241 -5.56 7.61 -18.76
CA ILE A 241 -5.78 8.90 -19.41
C ILE A 241 -7.28 9.18 -19.47
N LEU A 242 -7.72 10.23 -18.79
CA LEU A 242 -9.09 10.72 -18.90
C LEU A 242 -9.10 11.90 -19.86
N ASN A 243 -9.67 11.71 -21.04
CA ASN A 243 -9.98 12.82 -21.93
C ASN A 243 -11.25 13.47 -21.41
N ASN A 244 -11.07 14.48 -20.59
CA ASN A 244 -12.16 15.11 -19.85
C ASN A 244 -12.79 16.22 -20.70
N ARG A 245 -13.93 16.73 -20.20
CA ARG A 245 -14.69 17.78 -20.85
C ARG A 245 -15.32 17.30 -22.15
N TRP A 246 -15.57 15.99 -22.23
CA TRP A 246 -16.05 15.43 -23.49
C TRP A 246 -17.50 15.79 -23.78
N ASP A 247 -18.22 16.38 -22.80
CA ASP A 247 -19.53 16.96 -23.10
C ASP A 247 -19.44 18.03 -24.18
N ALA A 248 -18.29 18.68 -24.32
CA ALA A 248 -18.17 19.71 -25.34
C ALA A 248 -18.37 19.13 -26.75
N SER A 249 -18.08 17.85 -26.95
CA SER A 249 -18.14 17.31 -28.31
C SER A 249 -19.55 17.34 -28.86
N ALA A 250 -20.57 17.26 -27.98
CA ALA A 250 -21.95 17.32 -28.43
C ALA A 250 -22.26 18.60 -29.20
N SER A 251 -21.51 19.67 -28.94
CA SER A 251 -21.62 20.94 -29.64
C SER A 251 -21.08 20.89 -31.06
N GLU A 252 -20.21 19.94 -31.38
CA GLU A 252 -19.57 19.88 -32.70
C GLU A 252 -19.75 18.49 -33.27
N PRO A 253 -20.99 18.09 -33.55
CA PRO A 253 -21.24 16.70 -33.96
C PRO A 253 -20.62 16.35 -35.31
N GLU A 254 -20.32 17.33 -36.16
CA GLU A 254 -19.64 17.05 -37.42
C GLU A 254 -18.20 16.59 -37.23
N TYR A 255 -17.64 16.73 -36.03
CA TYR A 255 -16.27 16.36 -35.74
C TYR A 255 -16.12 15.28 -34.68
N MET A 256 -17.15 15.03 -33.86
CA MET A 256 -16.92 14.33 -32.60
C MET A 256 -16.36 12.93 -32.82
N GLU A 257 -16.89 12.18 -33.79
CA GLU A 257 -16.42 10.80 -33.94
C GLU A 257 -14.99 10.77 -34.47
N GLU A 258 -14.68 11.62 -35.46
CA GLU A 258 -13.32 11.69 -35.97
C GLU A 258 -12.34 12.16 -34.89
N VAL A 259 -12.74 13.15 -34.10
CA VAL A 259 -11.86 13.65 -33.04
C VAL A 259 -11.64 12.58 -31.99
N ARG A 260 -12.69 11.83 -31.66
CA ARG A 260 -12.51 10.74 -30.71
C ARG A 260 -11.49 9.73 -31.21
N ARG A 261 -11.61 9.33 -32.48
CA ARG A 261 -10.66 8.39 -33.08
C ARG A 261 -9.23 8.92 -33.02
N GLN A 262 -9.02 10.19 -33.39
CA GLN A 262 -7.69 10.78 -33.31
C GLN A 262 -7.15 10.79 -31.88
N HIS A 263 -7.98 11.24 -30.92
CA HIS A 263 -7.57 11.22 -29.52
C HIS A 263 -7.21 9.81 -29.07
N MET A 264 -8.05 8.84 -29.41
CA MET A 264 -7.80 7.47 -28.98
C MET A 264 -6.47 6.96 -29.55
N GLU A 265 -6.21 7.23 -30.84
CA GLU A 265 -4.94 6.79 -31.43
C GLU A 265 -3.75 7.51 -30.82
N ARG A 266 -3.87 8.83 -30.60
CA ARG A 266 -2.82 9.59 -29.93
C ARG A 266 -2.52 9.04 -28.54
N CYS A 267 -3.58 8.80 -27.76
CA CYS A 267 -3.39 8.32 -26.39
C CYS A 267 -2.87 6.89 -26.37
N THR A 268 -3.35 6.05 -27.28
CA THR A 268 -2.86 4.69 -27.38
C THR A 268 -1.39 4.66 -27.78
N SER A 269 -1.04 5.45 -28.79
CA SER A 269 0.35 5.52 -29.21
C SER A 269 1.22 5.97 -28.05
N PHE A 270 0.74 6.92 -27.25
CA PHE A 270 1.53 7.43 -26.14
C PHE A 270 1.80 6.32 -25.13
N LEU A 271 0.75 5.62 -24.69
CA LEU A 271 0.95 4.61 -23.64
C LEU A 271 1.67 3.37 -24.17
N VAL A 272 1.36 2.94 -25.39
CA VAL A 272 1.91 1.68 -25.91
C VAL A 272 3.26 1.89 -26.59
N ASP A 273 3.37 2.83 -27.53
CA ASP A 273 4.54 2.93 -28.39
C ASP A 273 5.60 3.89 -27.87
N GLU A 274 5.23 4.84 -27.02
CA GLU A 274 6.18 5.80 -26.46
C GLU A 274 6.64 5.39 -25.07
N LEU A 275 5.70 5.23 -24.15
CA LEU A 275 6.04 4.80 -22.78
C LEU A 275 6.26 3.29 -22.69
N GLY A 276 5.53 2.51 -23.48
CA GLY A 276 5.63 1.06 -23.40
C GLY A 276 5.15 0.49 -22.08
N VAL A 277 4.16 1.13 -21.45
CA VAL A 277 3.68 0.64 -20.15
C VAL A 277 2.43 -0.23 -20.26
N VAL A 278 1.73 -0.21 -21.40
CA VAL A 278 0.67 -1.18 -21.66
C VAL A 278 0.76 -1.71 -23.08
N ASP A 279 0.08 -2.80 -23.29
CA ASP A 279 -0.05 -3.43 -24.58
C ASP A 279 -1.25 -2.81 -25.30
N ARG A 280 -1.27 -2.98 -26.62
CA ARG A 280 -2.32 -2.35 -27.40
C ARG A 280 -3.69 -2.87 -27.01
N SER A 281 -3.79 -4.16 -26.69
CA SER A 281 -5.08 -4.74 -26.33
C SER A 281 -5.58 -4.23 -24.98
N GLN A 282 -4.70 -3.73 -24.12
CA GLN A 282 -5.09 -3.16 -22.84
C GLN A 282 -5.45 -1.68 -22.92
N ALA A 283 -5.17 -1.03 -24.05
CA ALA A 283 -5.26 0.43 -24.10
C ALA A 283 -6.69 0.90 -23.90
N GLY A 284 -7.67 0.13 -24.39
CA GLY A 284 -9.06 0.51 -24.19
C GLY A 284 -9.50 0.49 -22.75
N ASP A 285 -8.73 -0.13 -21.85
CA ASP A 285 -9.03 -0.17 -20.43
C ASP A 285 -8.29 0.91 -19.65
N ARG A 286 -7.57 1.78 -20.35
CA ARG A 286 -6.80 2.83 -19.70
C ARG A 286 -7.14 4.23 -20.19
N ILE A 287 -7.86 4.37 -21.30
CA ILE A 287 -8.14 5.66 -21.92
C ILE A 287 -9.66 5.81 -22.03
N PHE A 288 -10.19 6.93 -21.52
CA PHE A 288 -11.63 7.11 -21.42
C PHE A 288 -12.01 8.54 -21.82
N PHE A 289 -13.24 8.69 -22.31
CA PHE A 289 -13.76 9.98 -22.76
C PHE A 289 -14.94 10.33 -21.87
N VAL A 290 -14.77 11.35 -21.01
CA VAL A 290 -15.70 11.55 -19.90
C VAL A 290 -16.03 13.03 -19.73
N SER A 291 -17.04 13.30 -18.91
CA SER A 291 -17.38 14.64 -18.45
C SER A 291 -17.44 14.57 -16.92
N ALA A 292 -16.32 14.90 -16.27
CA ALA A 292 -16.26 14.78 -14.82
C ALA A 292 -17.28 15.68 -14.13
N LYS A 293 -17.60 16.82 -14.77
CA LYS A 293 -18.57 17.73 -14.18
C LYS A 293 -19.97 17.13 -14.21
N GLU A 294 -20.30 16.45 -15.31
CA GLU A 294 -21.57 15.72 -15.40
C GLU A 294 -21.68 14.69 -14.28
N VAL A 295 -20.62 13.90 -14.11
CA VAL A 295 -20.64 12.82 -13.12
C VAL A 295 -20.79 13.39 -11.73
N LEU A 296 -20.03 14.44 -11.42
CA LEU A 296 -20.09 15.05 -10.11
C LEU A 296 -21.49 15.53 -9.80
N ASN A 297 -22.07 16.34 -10.70
CA ASN A 297 -23.38 16.90 -10.43
C ASN A 297 -24.46 15.81 -10.39
N ALA A 298 -24.34 14.79 -11.24
CA ALA A 298 -25.27 13.65 -11.16
C ALA A 298 -25.17 12.96 -9.79
N ARG A 299 -23.96 12.77 -9.30
CA ARG A 299 -23.87 12.04 -8.04
C ARG A 299 -24.29 12.91 -6.87
N ILE A 300 -24.02 14.21 -6.93
CA ILE A 300 -24.51 15.10 -5.87
C ILE A 300 -26.03 15.04 -5.80
N GLN A 301 -26.68 15.05 -6.96
CA GLN A 301 -28.13 14.91 -7.00
C GLN A 301 -28.57 13.59 -6.40
N LYS A 302 -27.93 12.49 -6.84
CA LYS A 302 -28.24 11.17 -6.34
C LYS A 302 -28.06 11.10 -4.82
N ALA A 303 -26.92 11.60 -4.32
CA ALA A 303 -26.65 11.52 -2.88
C ALA A 303 -27.73 12.22 -2.07
N GLN A 304 -28.26 13.33 -2.58
CA GLN A 304 -29.35 14.07 -1.93
C GLN A 304 -30.72 13.51 -2.25
N GLY A 305 -30.81 12.41 -3.00
CA GLY A 305 -32.10 11.79 -3.28
C GLY A 305 -32.88 12.46 -4.40
N MET A 306 -32.26 12.62 -5.56
CA MET A 306 -32.89 13.22 -6.72
C MET A 306 -32.35 12.52 -7.96
N PRO A 307 -33.04 12.62 -9.10
CA PRO A 307 -32.59 11.89 -10.29
C PRO A 307 -31.18 12.26 -10.73
N GLU A 308 -30.41 11.26 -11.15
CA GLU A 308 -29.06 11.53 -11.63
C GLU A 308 -29.06 12.26 -12.97
N GLY A 309 -30.14 12.17 -13.73
CA GLY A 309 -30.22 12.88 -15.01
C GLY A 309 -30.09 14.38 -14.88
N GLY A 310 -30.32 14.93 -13.69
CA GLY A 310 -30.15 16.36 -13.46
C GLY A 310 -28.73 16.86 -13.66
N GLY A 311 -27.74 15.96 -13.69
CA GLY A 311 -26.37 16.37 -13.94
C GLY A 311 -25.97 16.56 -15.39
N ALA A 312 -26.87 16.28 -16.34
CA ALA A 312 -26.50 16.27 -17.75
C ALA A 312 -26.14 17.66 -18.23
N LEU A 313 -25.07 17.75 -19.04
CA LEU A 313 -24.70 19.01 -19.67
C LEU A 313 -25.02 19.06 -21.15
N ALA A 314 -25.23 17.90 -21.77
CA ALA A 314 -25.48 17.81 -23.20
C ALA A 314 -26.10 16.45 -23.49
N GLU A 315 -26.55 16.28 -24.73
CA GLU A 315 -27.01 14.99 -25.22
C GLU A 315 -25.93 13.93 -25.02
N GLY A 316 -26.36 12.70 -24.73
CA GLY A 316 -25.41 11.62 -24.49
C GLY A 316 -24.95 11.49 -23.05
N PHE A 317 -25.75 11.93 -22.09
CA PHE A 317 -25.37 11.82 -20.68
C PHE A 317 -24.99 10.39 -20.31
N GLN A 318 -25.85 9.42 -20.61
CA GLN A 318 -25.61 8.08 -20.06
C GLN A 318 -24.39 7.41 -20.68
N VAL A 319 -24.13 7.68 -21.95
CA VAL A 319 -22.94 7.15 -22.60
C VAL A 319 -21.68 7.59 -21.86
N ARG A 320 -21.60 8.89 -21.55
CA ARG A 320 -20.43 9.38 -20.84
C ARG A 320 -20.39 8.87 -19.41
N MET A 321 -21.57 8.70 -18.78
CA MET A 321 -21.60 8.19 -17.41
C MET A 321 -21.08 6.77 -17.35
N PHE A 322 -21.53 5.90 -18.26
CA PHE A 322 -21.02 4.53 -18.31
C PHE A 322 -19.50 4.52 -18.52
N GLU A 323 -18.99 5.43 -19.35
CA GLU A 323 -17.55 5.47 -19.59
C GLU A 323 -16.79 5.82 -18.30
N PHE A 324 -17.32 6.74 -17.49
CA PHE A 324 -16.68 7.05 -16.21
C PHE A 324 -16.79 5.87 -15.23
N GLN A 325 -17.94 5.16 -15.25
CA GLN A 325 -18.07 4.00 -14.39
C GLN A 325 -17.16 2.87 -14.82
N ASN A 326 -16.93 2.72 -16.13
CA ASN A 326 -15.96 1.75 -16.61
C ASN A 326 -14.56 2.13 -16.16
N PHE A 327 -14.19 3.41 -16.28
CA PHE A 327 -12.92 3.87 -15.74
C PHE A 327 -12.76 3.45 -14.28
N GLU A 328 -13.76 3.75 -13.44
CA GLU A 328 -13.64 3.49 -12.01
C GLU A 328 -13.46 2.01 -11.73
N ARG A 329 -14.20 1.18 -12.44
CA ARG A 329 -14.06 -0.25 -12.26
C ARG A 329 -12.66 -0.72 -12.65
N ARG A 330 -12.18 -0.32 -13.84
CA ARG A 330 -10.82 -0.71 -14.24
C ARG A 330 -9.80 -0.14 -13.27
N PHE A 331 -10.07 1.05 -12.74
CA PHE A 331 -9.15 1.66 -11.78
C PHE A 331 -9.06 0.85 -10.50
N GLU A 332 -10.21 0.51 -9.92
CA GLU A 332 -10.20 -0.24 -8.67
C GLU A 332 -9.59 -1.62 -8.84
N GLU A 333 -9.88 -2.28 -9.96
CA GLU A 333 -9.25 -3.58 -10.23
C GLU A 333 -7.74 -3.43 -10.30
N CYS A 334 -7.28 -2.36 -10.92
CA CYS A 334 -5.85 -2.16 -11.14
C CYS A 334 -5.14 -1.80 -9.84
N ILE A 335 -5.66 -0.79 -9.13
CA ILE A 335 -4.93 -0.27 -7.98
C ILE A 335 -4.89 -1.29 -6.85
N SER A 336 -5.96 -2.06 -6.68
CA SER A 336 -5.99 -3.01 -5.58
C SER A 336 -4.96 -4.12 -5.79
N GLN A 337 -4.94 -4.70 -6.98
CA GLN A 337 -3.96 -5.75 -7.27
C GLN A 337 -2.53 -5.21 -7.24
N SER A 338 -2.31 -4.02 -7.82
CA SER A 338 -0.94 -3.49 -7.91
C SER A 338 -0.42 -3.07 -6.54
N ALA A 339 -1.25 -2.38 -5.76
CA ALA A 339 -0.74 -1.86 -4.49
C ALA A 339 -0.44 -2.99 -3.50
N VAL A 340 -1.25 -4.04 -3.51
CA VAL A 340 -1.01 -5.16 -2.59
C VAL A 340 0.36 -5.74 -2.84
N LYS A 341 0.69 -5.96 -4.12
CA LYS A 341 2.01 -6.49 -4.43
C LYS A 341 3.10 -5.48 -4.10
N THR A 342 2.94 -4.24 -4.58
CA THR A 342 3.96 -3.20 -4.38
C THR A 342 4.18 -2.88 -2.91
N LYS A 343 3.11 -2.81 -2.12
CA LYS A 343 3.25 -2.32 -0.75
C LYS A 343 3.49 -3.42 0.29
N PHE A 344 3.26 -4.70 -0.03
CA PHE A 344 3.47 -5.77 0.97
C PHE A 344 4.50 -6.82 0.59
N GLU A 345 4.97 -6.87 -0.66
CA GLU A 345 5.87 -7.96 -1.06
C GLU A 345 7.17 -7.96 -0.25
N GLN A 346 7.78 -6.78 -0.05
CA GLN A 346 9.09 -6.78 0.58
C GLN A 346 9.00 -7.13 2.07
N HIS A 347 7.96 -6.66 2.76
CA HIS A 347 7.82 -7.06 4.17
C HIS A 347 7.49 -8.54 4.31
N THR A 348 6.76 -9.11 3.35
CA THR A 348 6.53 -10.55 3.34
C THR A 348 7.84 -11.31 3.22
N VAL A 349 8.69 -10.87 2.30
CA VAL A 349 10.00 -11.50 2.17
C VAL A 349 10.79 -11.37 3.46
N ARG A 350 10.75 -10.17 4.06
CA ARG A 350 11.43 -9.91 5.32
C ARG A 350 10.96 -10.86 6.41
N ALA A 351 9.66 -11.05 6.52
CA ALA A 351 9.12 -11.91 7.56
C ALA A 351 9.60 -13.35 7.39
N LYS A 352 9.71 -13.80 6.14
CA LYS A 352 10.25 -15.14 5.92
C LYS A 352 11.71 -15.20 6.32
N GLN A 353 12.50 -14.18 5.98
CA GLN A 353 13.91 -14.22 6.39
C GLN A 353 14.03 -14.24 7.91
N ILE A 354 13.24 -13.44 8.62
CA ILE A 354 13.34 -13.38 10.08
C ILE A 354 12.92 -14.71 10.70
N ALA A 355 11.79 -15.26 10.24
CA ALA A 355 11.36 -16.56 10.76
C ALA A 355 12.42 -17.63 10.50
N GLU A 356 13.06 -17.60 9.34
CA GLU A 356 14.11 -18.59 9.04
C GLU A 356 15.32 -18.42 9.97
N ALA A 357 15.72 -17.17 10.26
CA ALA A 357 16.83 -16.96 11.18
C ALA A 357 16.53 -17.54 12.56
N VAL A 358 15.32 -17.33 13.05
CA VAL A 358 14.95 -17.90 14.36
C VAL A 358 14.89 -19.42 14.29
N ARG A 359 14.31 -19.96 13.22
CA ARG A 359 14.32 -21.41 13.02
C ARG A 359 15.74 -21.95 13.05
N LEU A 360 16.68 -21.24 12.41
CA LEU A 360 18.07 -21.69 12.37
C LEU A 360 18.68 -21.72 13.76
N ILE A 361 18.37 -20.69 14.57
CA ILE A 361 18.87 -20.66 15.93
C ILE A 361 18.29 -21.79 16.76
N MET A 362 16.97 -22.04 16.63
CA MET A 362 16.34 -23.13 17.38
C MET A 362 16.93 -24.47 17.00
N ASP A 363 17.14 -24.68 15.71
CA ASP A 363 17.73 -25.94 15.27
C ASP A 363 19.15 -26.10 15.79
N SER A 364 19.88 -25.00 15.94
CA SER A 364 21.25 -25.05 16.45
C SER A 364 21.27 -25.38 17.94
N LEU A 365 20.30 -24.84 18.69
CA LEU A 365 20.16 -25.22 20.09
C LEU A 365 19.82 -26.70 20.22
N HIS A 366 18.87 -27.18 19.42
CA HIS A 366 18.49 -28.59 19.39
C HIS A 366 19.69 -29.49 19.13
N MET A 367 20.45 -29.20 18.08
CA MET A 367 21.62 -30.00 17.74
C MET A 367 22.64 -29.99 18.87
N ALA A 368 22.90 -28.80 19.44
CA ALA A 368 23.90 -28.71 20.49
C ALA A 368 23.49 -29.48 21.73
N ALA A 369 22.22 -29.34 22.13
CA ALA A 369 21.71 -30.12 23.26
C ALA A 369 21.77 -31.61 22.97
N ARG A 370 21.35 -32.01 21.77
CA ARG A 370 21.35 -33.43 21.42
C ARG A 370 22.75 -34.01 21.51
N GLU A 371 23.74 -33.25 21.03
CA GLU A 371 25.11 -33.71 21.01
C GLU A 371 25.67 -33.83 22.43
N GLN A 372 25.34 -32.86 23.30
CA GLN A 372 25.73 -32.95 24.70
C GLN A 372 25.01 -34.09 25.40
N GLN A 373 23.77 -34.39 25.01
CA GLN A 373 23.04 -35.53 25.58
C GLN A 373 23.71 -36.85 25.20
N VAL A 374 24.16 -36.96 23.95
CA VAL A 374 24.83 -38.17 23.51
C VAL A 374 26.13 -38.36 24.27
N TYR A 375 26.87 -37.28 24.50
CA TYR A 375 28.09 -37.37 25.30
C TYR A 375 27.79 -37.90 26.71
N CYS A 376 26.74 -37.38 27.34
CA CYS A 376 26.39 -37.85 28.68
C CYS A 376 26.00 -39.31 28.68
N GLU A 377 25.28 -39.75 27.63
CA GLU A 377 24.85 -41.14 27.59
C GLU A 377 26.04 -42.07 27.46
N GLU A 378 27.10 -41.64 26.77
CA GLU A 378 28.30 -42.47 26.73
C GLU A 378 29.10 -42.38 28.03
N MET A 379 29.13 -41.21 28.67
CA MET A 379 29.69 -41.12 30.01
C MET A 379 28.96 -42.04 30.97
N ARG A 380 27.64 -42.08 30.89
CA ARG A 380 26.86 -42.95 31.77
C ARG A 380 27.26 -44.41 31.61
N GLU A 381 27.39 -44.87 30.35
CA GLU A 381 27.71 -46.27 30.10
C GLU A 381 29.13 -46.64 30.50
N GLU A 382 30.05 -45.67 30.55
CA GLU A 382 31.42 -45.98 30.97
C GLU A 382 31.59 -45.96 32.49
N ARG A 383 30.59 -45.47 33.23
CA ARG A 383 30.68 -45.43 34.68
C ARG A 383 30.90 -46.82 35.27
N GLN A 384 30.23 -47.84 34.71
CA GLN A 384 30.32 -49.20 35.21
C GLN A 384 31.76 -49.72 35.28
N ASP A 385 32.68 -49.14 34.50
CA ASP A 385 34.07 -49.54 34.53
C ASP A 385 34.89 -48.79 35.57
N ARG A 386 34.29 -47.80 36.22
CA ARG A 386 34.99 -46.89 37.11
C ARG A 386 34.46 -46.94 38.53
N THR A 387 33.31 -47.56 38.74
CA THR A 387 32.50 -47.37 39.93
C THR A 387 31.62 -48.60 40.03
N ARG A 388 31.62 -49.22 41.21
CA ARG A 388 30.59 -50.22 41.49
C ARG A 388 29.72 -49.85 42.67
N GLU A 389 30.32 -49.33 43.73
CA GLU A 389 29.56 -49.05 44.93
C GLU A 389 28.66 -47.83 44.74
N ASN A 390 29.13 -46.83 43.98
CA ASN A 390 28.33 -45.65 43.69
C ASN A 390 27.79 -45.64 42.26
N LEU A 391 27.71 -46.81 41.63
CA LEU A 391 27.33 -46.85 40.21
C LEU A 391 25.89 -46.35 40.02
N GLU A 392 24.95 -46.84 40.85
CA GLU A 392 23.56 -46.42 40.69
C GLU A 392 23.35 -44.94 40.98
N GLN A 393 24.05 -44.36 41.97
CA GLN A 393 23.90 -42.92 42.18
C GLN A 393 24.51 -42.10 41.05
N GLU A 394 25.65 -42.52 40.53
CA GLU A 394 26.25 -41.75 39.44
C GLU A 394 25.42 -41.88 38.16
N ILE A 395 24.87 -43.07 37.91
CA ILE A 395 23.92 -43.21 36.80
C ILE A 395 22.72 -42.31 37.00
N ALA A 396 22.17 -42.26 38.22
CA ALA A 396 20.98 -41.46 38.46
C ALA A 396 21.28 -39.96 38.31
N ALA A 397 22.48 -39.54 38.72
CA ALA A 397 22.89 -38.16 38.50
C ALA A 397 23.06 -37.87 37.02
N MET A 398 23.68 -38.79 36.27
CA MET A 398 23.75 -38.64 34.83
C MET A 398 22.35 -38.54 34.22
N ASN A 399 21.41 -39.33 34.75
CA ASN A 399 20.06 -39.33 34.21
C ASN A 399 19.41 -37.95 34.33
N LYS A 400 19.65 -37.25 35.43
CA LYS A 400 19.05 -35.92 35.60
C LYS A 400 19.55 -34.98 34.52
N LYS A 401 20.84 -35.01 34.22
CA LYS A 401 21.36 -34.11 33.20
C LYS A 401 20.84 -34.49 31.82
N ILE A 402 20.75 -35.80 31.54
CA ILE A 402 20.22 -36.27 30.26
C ILE A 402 18.78 -35.81 30.08
N GLU A 403 17.99 -35.81 31.15
CA GLU A 403 16.59 -35.41 31.05
C GLU A 403 16.45 -33.91 30.82
N VAL A 404 17.30 -33.10 31.46
CA VAL A 404 17.28 -31.67 31.19
C VAL A 404 17.64 -31.40 29.72
N LEU A 405 18.67 -32.07 29.21
CA LEU A 405 19.07 -31.87 27.82
C LEU A 405 17.98 -32.35 26.85
N ASP A 406 17.35 -33.48 27.16
CA ASP A 406 16.29 -33.97 26.30
C ASP A 406 15.12 -33.01 26.28
N SER A 407 14.86 -32.37 27.41
CA SER A 407 13.79 -31.38 27.51
C SER A 407 14.12 -30.14 26.66
N LEU A 408 15.38 -29.70 26.71
CA LEU A 408 15.80 -28.58 25.86
C LEU A 408 15.68 -28.92 24.39
N GLN A 409 16.16 -30.11 24.01
CA GLN A 409 16.09 -30.53 22.61
C GLN A 409 14.65 -30.61 22.14
N SER A 410 13.75 -31.11 22.98
CA SER A 410 12.36 -31.26 22.55
C SER A 410 11.69 -29.90 22.38
N LYS A 411 11.88 -29.01 23.36
CA LYS A 411 11.30 -27.67 23.28
C LYS A 411 11.88 -26.90 22.09
N ALA A 412 13.19 -26.97 21.91
CA ALA A 412 13.84 -26.30 20.79
C ALA A 412 13.28 -26.82 19.46
N LYS A 413 13.10 -28.14 19.34
CA LYS A 413 12.50 -28.72 18.15
C LYS A 413 11.09 -28.21 17.92
N LEU A 414 10.32 -28.03 18.99
CA LEU A 414 8.95 -27.56 18.84
C LEU A 414 8.91 -26.11 18.37
N LEU A 415 9.80 -25.27 18.90
CA LEU A 415 9.88 -23.88 18.46
C LEU A 415 10.43 -23.78 17.04
N ARG A 416 11.40 -24.62 16.70
CA ARG A 416 11.85 -24.69 15.32
C ARG A 416 10.69 -25.00 14.38
N ASN A 417 9.81 -25.92 14.78
CA ASN A 417 8.69 -26.29 13.92
C ASN A 417 7.66 -25.17 13.77
N LYS A 418 7.49 -24.33 14.82
CA LYS A 418 6.56 -23.22 14.72
C LYS A 418 6.97 -22.23 13.65
N ALA A 419 8.28 -22.05 13.45
CA ALA A 419 8.74 -21.20 12.34
C ALA A 419 8.17 -21.69 11.02
N GLY A 420 8.11 -23.01 10.84
CA GLY A 420 7.53 -23.55 9.62
C GLY A 420 6.06 -23.22 9.46
N TRP A 421 5.33 -23.11 10.57
CA TRP A 421 3.94 -22.68 10.49
C TRP A 421 3.84 -21.24 9.98
N LEU A 422 4.72 -20.36 10.46
CA LEU A 422 4.70 -18.98 9.99
C LEU A 422 5.11 -18.89 8.53
N ASP A 423 6.14 -19.66 8.13
CA ASP A 423 6.59 -19.65 6.75
C ASP A 423 5.49 -20.12 5.82
N SER A 424 4.67 -21.07 6.27
CA SER A 424 3.57 -21.57 5.46
C SER A 424 2.44 -20.54 5.33
N GLU A 425 2.09 -19.84 6.43
CA GLU A 425 1.15 -18.73 6.34
C GLU A 425 1.67 -17.66 5.37
N LEU A 426 2.96 -17.35 5.43
CA LEU A 426 3.53 -16.37 4.51
C LEU A 426 3.49 -16.86 3.08
N ASN A 427 3.71 -18.17 2.86
CA ASN A 427 3.63 -18.69 1.51
C ASN A 427 2.21 -18.65 0.97
N MET A 428 1.22 -18.89 1.83
CA MET A 428 -0.16 -18.82 1.38
C MET A 428 -0.57 -17.37 1.11
N PHE A 429 -0.11 -16.43 1.95
CA PHE A 429 -0.29 -15.01 1.61
C PHE A 429 0.33 -14.68 0.26
N THR A 430 1.57 -15.14 0.02
CA THR A 430 2.24 -14.90 -1.25
C THR A 430 1.42 -15.47 -2.41
N HIS A 431 0.88 -16.68 -2.23
CA HIS A 431 0.13 -17.30 -3.32
C HIS A 431 -1.15 -16.53 -3.64
N GLN A 432 -1.84 -16.02 -2.63
CA GLN A 432 -3.11 -15.35 -2.85
C GLN A 432 -2.94 -13.92 -3.31
N TYR A 433 -1.88 -13.23 -2.91
CA TYR A 433 -1.84 -11.78 -3.06
C TYR A 433 -0.64 -11.22 -3.79
N LEU A 434 0.43 -11.99 -4.01
CA LEU A 434 1.68 -11.44 -4.53
C LEU A 434 2.06 -11.99 -5.89
N GLN A 435 1.19 -12.75 -6.56
CA GLN A 435 1.54 -13.25 -7.88
C GLN A 435 1.56 -12.10 -8.90
N PRO A 436 2.55 -12.07 -9.79
CA PRO A 436 2.54 -11.07 -10.87
C PRO A 436 1.36 -11.28 -11.81
N SER A 437 1.01 -10.21 -12.52
CA SER A 437 -0.04 -10.29 -13.54
C SER A 437 0.56 -10.34 -14.95
#